data_6K6B
#
_entry.id   6K6B
#
_cell.length_a   52.559
_cell.length_b   51.351
_cell.length_c   55.464
_cell.angle_alpha   90.00
_cell.angle_beta   90.00
_cell.angle_gamma   90.00
#
_symmetry.space_group_name_H-M   'P 21 21 21'
#
loop_
_entity.id
_entity.type
_entity.pdbx_description
1 polymer '3LRH intrabody'
2 polymer 'Protein A'
3 water water
#
loop_
_entity_poly.entity_id
_entity_poly.type
_entity_poly.pdbx_seq_one_letter_code
_entity_poly.pdbx_strand_id
1 'polypeptide(L)'
;MGSSHHHHHHSSGLVPRGSHMGSQPVLTQSPSVSAAPRQRVTISVSGSNSNIGSNTVNWIQQLPGRAPELLMYDDDLLAP
GVSDRFSGSRSGTSASLTISGLQSEDEADYYAATWDDSLNGWVFGGGTKVTVLSA
;
A
2 'polypeptide(L)' MGSSHHHHHHSSGLVPRGSHMEKLMKAFQSLAFFEILNMPNLNEAQRNGFIQSLKDDPSQSTNVLGEAKKLNESQAP B
#
# COMPACT_ATOMS: atom_id res chain seq x y z
N PRO A 25 -12.10 5.98 -1.77
CA PRO A 25 -10.79 6.07 -1.10
C PRO A 25 -10.37 7.50 -0.80
N VAL A 26 -9.74 7.71 0.35
CA VAL A 26 -9.28 9.05 0.71
C VAL A 26 -8.24 9.54 -0.29
N LEU A 27 -7.40 8.64 -0.79
CA LEU A 27 -6.39 8.97 -1.79
C LEU A 27 -6.87 8.53 -3.16
N THR A 28 -6.60 9.36 -4.16
CA THR A 28 -7.05 9.14 -5.54
C THR A 28 -5.85 8.84 -6.41
N GLN A 29 -5.76 7.61 -6.91
CA GLN A 29 -4.64 7.17 -7.71
C GLN A 29 -4.96 7.27 -9.20
N SER A 30 -3.91 7.16 -10.02
CA SER A 30 -4.04 7.32 -11.45
C SER A 30 -4.65 6.08 -12.09
N PRO A 31 -5.24 6.23 -13.28
CA PRO A 31 -5.90 5.10 -13.94
C PRO A 31 -4.90 4.04 -14.37
N SER A 32 -5.45 2.87 -14.70
CA SER A 32 -4.63 1.74 -15.13
C SER A 32 -3.75 2.12 -16.32
N VAL A 33 -2.54 1.57 -16.35
CA VAL A 33 -1.57 1.87 -17.38
C VAL A 33 -1.00 0.58 -17.95
N SER A 34 -0.83 0.54 -19.27
CA SER A 34 -0.20 -0.58 -19.96
C SER A 34 0.98 -0.06 -20.75
N ALA A 35 2.14 -0.70 -20.59
CA ALA A 35 3.36 -0.27 -21.26
C ALA A 35 4.17 -1.49 -21.66
N ALA A 36 4.99 -1.32 -22.70
CA ALA A 36 5.85 -2.39 -23.16
C ALA A 36 7.07 -2.53 -22.27
N PRO A 37 7.76 -3.66 -22.35
CA PRO A 37 9.00 -3.83 -21.58
C PRO A 37 10.04 -2.81 -21.98
N ARG A 38 10.83 -2.37 -21.00
CA ARG A 38 11.89 -1.37 -21.06
C ARG A 38 11.34 0.06 -21.03
N GLN A 39 10.02 0.25 -21.04
CA GLN A 39 9.48 1.60 -20.96
C GLN A 39 9.48 2.09 -19.52
N ARG A 40 9.37 3.42 -19.37
CA ARG A 40 9.27 4.05 -18.07
C ARG A 40 7.84 4.55 -17.86
N VAL A 41 7.24 4.18 -16.74
CA VAL A 41 5.88 4.58 -16.41
C VAL A 41 5.88 5.25 -15.05
N THR A 42 4.97 6.19 -14.86
CA THR A 42 4.84 6.92 -13.61
C THR A 42 3.38 6.90 -13.17
N ILE A 43 3.14 6.42 -11.95
CA ILE A 43 1.82 6.42 -11.35
C ILE A 43 1.75 7.53 -10.33
N SER A 44 0.57 8.11 -10.16
CA SER A 44 0.39 9.28 -9.30
C SER A 44 -0.75 9.04 -8.33
N VAL A 45 -0.75 9.84 -7.26
CA VAL A 45 -1.80 9.83 -6.26
C VAL A 45 -1.99 11.25 -5.76
N SER A 46 -3.23 11.60 -5.41
CA SER A 46 -3.56 12.94 -4.95
C SER A 46 -4.36 12.86 -3.66
N GLY A 47 -4.06 13.78 -2.74
CA GLY A 47 -4.74 13.81 -1.46
C GLY A 47 -5.00 15.22 -0.98
N SER A 48 -4.91 15.42 0.33
CA SER A 48 -5.17 16.72 0.95
C SER A 48 -4.01 17.05 1.90
N ASN A 49 -4.07 18.26 2.48
CA ASN A 49 -3.06 18.66 3.45
C ASN A 49 -3.18 17.88 4.77
N SER A 50 -4.26 17.13 4.96
CA SER A 50 -4.40 16.31 6.15
C SER A 50 -3.66 14.97 6.04
N ASN A 51 -3.36 14.54 4.81
CA ASN A 51 -2.58 13.32 4.61
C ASN A 51 -1.31 13.62 3.82
N ILE A 52 -1.39 13.49 2.48
CA ILE A 52 -0.19 13.66 1.66
C ILE A 52 0.45 15.02 1.90
N GLY A 53 -0.35 16.06 2.00
CA GLY A 53 0.17 17.41 2.18
C GLY A 53 1.00 17.59 3.43
N SER A 54 0.88 16.67 4.40
CA SER A 54 1.59 16.81 5.67
C SER A 54 2.36 15.55 6.09
N ASN A 55 2.20 14.42 5.41
CA ASN A 55 2.85 13.19 5.80
C ASN A 55 3.46 12.52 4.58
N THR A 56 4.55 11.80 4.80
CA THR A 56 5.23 11.10 3.72
C THR A 56 4.38 9.93 3.22
N VAL A 57 4.69 9.49 2.00
CA VAL A 57 3.89 8.49 1.31
C VAL A 57 4.66 7.19 1.21
N ASN A 58 3.94 6.08 1.31
CA ASN A 58 4.49 4.75 1.10
C ASN A 58 3.82 4.11 -0.10
N TRP A 59 4.57 3.27 -0.81
CA TRP A 59 4.07 2.58 -1.99
C TRP A 59 4.12 1.08 -1.76
N ILE A 60 3.03 0.39 -2.10
CA ILE A 60 2.87 -1.03 -1.86
C ILE A 60 2.61 -1.73 -3.19
N GLN A 61 3.24 -2.88 -3.37
CA GLN A 61 3.05 -3.72 -4.56
C GLN A 61 2.19 -4.92 -4.18
N GLN A 62 1.16 -5.18 -4.97
CA GLN A 62 0.21 -6.25 -4.69
C GLN A 62 0.12 -7.18 -5.89
N LEU A 63 0.54 -8.43 -5.70
CA LEU A 63 0.41 -9.51 -6.66
C LEU A 63 -0.77 -10.40 -6.31
N PRO A 64 -1.41 -11.02 -7.29
CA PRO A 64 -2.59 -11.84 -7.00
C PRO A 64 -2.25 -12.99 -6.07
N GLY A 65 -3.01 -13.10 -4.97
CA GLY A 65 -2.84 -14.17 -4.02
C GLY A 65 -1.61 -14.10 -3.15
N ARG A 66 -0.81 -13.04 -3.25
CA ARG A 66 0.39 -12.88 -2.46
C ARG A 66 0.21 -11.78 -1.43
N ALA A 67 1.07 -11.79 -0.42
CA ALA A 67 1.07 -10.72 0.57
C ALA A 67 1.57 -9.42 -0.05
N PRO A 68 1.04 -8.29 0.38
CA PRO A 68 1.51 -7.01 -0.17
C PRO A 68 2.94 -6.72 0.25
N GLU A 69 3.67 -6.06 -0.64
CA GLU A 69 5.09 -5.80 -0.44
C GLU A 69 5.34 -4.30 -0.34
N LEU A 70 6.17 -3.92 0.62
CA LEU A 70 6.56 -2.52 0.77
C LEU A 70 7.67 -2.20 -0.22
N LEU A 71 7.38 -1.29 -1.16
CA LEU A 71 8.36 -0.87 -2.15
C LEU A 71 9.14 0.36 -1.70
N MET A 72 8.43 1.41 -1.26
CA MET A 72 9.08 2.66 -0.90
C MET A 72 8.42 3.25 0.32
N TYR A 73 9.19 4.06 1.04
CA TYR A 73 8.70 4.78 2.22
C TYR A 73 9.39 6.12 2.29
N ASP A 74 8.87 7.01 3.14
CA ASP A 74 9.40 8.35 3.31
C ASP A 74 9.51 9.08 1.97
N ASP A 75 8.53 8.84 1.09
CA ASP A 75 8.43 9.51 -0.20
C ASP A 75 9.35 8.90 -1.25
N ASP A 76 10.63 8.73 -0.93
CA ASP A 76 11.61 8.36 -1.96
C ASP A 76 12.64 7.34 -1.50
N LEU A 77 12.46 6.70 -0.36
CA LEU A 77 13.41 5.72 0.15
C LEU A 77 12.97 4.32 -0.19
N LEU A 78 13.92 3.50 -0.65
CA LEU A 78 13.64 2.12 -1.04
C LEU A 78 13.70 1.20 0.16
N ALA A 79 12.69 0.34 0.29
CA ALA A 79 12.73 -0.70 1.30
C ALA A 79 13.89 -1.66 1.00
N PRO A 80 14.41 -2.32 2.02
CA PRO A 80 15.54 -3.23 1.80
C PRO A 80 15.25 -4.26 0.72
N GLY A 81 16.18 -4.38 -0.23
CA GLY A 81 16.08 -5.36 -1.28
C GLY A 81 15.31 -4.91 -2.52
N VAL A 82 14.65 -3.77 -2.47
CA VAL A 82 13.83 -3.31 -3.59
C VAL A 82 14.74 -2.78 -4.70
N SER A 83 14.40 -3.12 -5.94
CA SER A 83 15.19 -2.68 -7.08
C SER A 83 15.21 -1.15 -7.18
N ASP A 84 16.37 -0.61 -7.54
CA ASP A 84 16.49 0.84 -7.69
C ASP A 84 15.83 1.35 -8.97
N ARG A 85 15.19 0.48 -9.74
CA ARG A 85 14.38 0.95 -10.86
C ARG A 85 13.13 1.67 -10.39
N PHE A 86 12.74 1.49 -9.13
CA PHE A 86 11.63 2.21 -8.54
C PHE A 86 12.13 3.49 -7.88
N SER A 87 11.41 4.59 -8.13
CA SER A 87 11.70 5.87 -7.52
C SER A 87 10.40 6.56 -7.15
N GLY A 88 10.45 7.40 -6.11
CA GLY A 88 9.27 8.06 -5.61
C GLY A 88 9.50 9.55 -5.47
N SER A 89 8.39 10.27 -5.30
CA SER A 89 8.43 11.72 -5.16
C SER A 89 7.14 12.18 -4.49
N ARG A 90 7.23 13.32 -3.80
CA ARG A 90 6.07 13.94 -3.20
C ARG A 90 6.25 15.45 -3.25
N SER A 91 5.18 16.16 -3.59
CA SER A 91 5.19 17.62 -3.61
C SER A 91 3.76 18.11 -3.52
N GLY A 92 3.52 19.08 -2.64
CA GLY A 92 2.16 19.56 -2.44
C GLY A 92 1.30 18.47 -1.84
N THR A 93 0.15 18.22 -2.46
CA THR A 93 -0.77 17.18 -2.01
C THR A 93 -0.79 15.98 -2.94
N SER A 94 0.27 15.77 -3.72
CA SER A 94 0.35 14.66 -4.65
C SER A 94 1.70 13.96 -4.51
N ALA A 95 1.74 12.71 -4.97
CA ALA A 95 2.95 11.92 -5.00
C ALA A 95 2.91 11.04 -6.24
N SER A 96 4.07 10.47 -6.59
CA SER A 96 4.15 9.62 -7.76
C SER A 96 5.21 8.55 -7.56
N LEU A 97 5.05 7.46 -8.29
CA LEU A 97 6.01 6.35 -8.31
C LEU A 97 6.41 6.11 -9.75
N THR A 98 7.72 6.08 -10.00
CA THR A 98 8.28 5.87 -11.33
C THR A 98 8.96 4.51 -11.40
N ILE A 99 8.67 3.76 -12.46
CA ILE A 99 9.28 2.46 -12.71
C ILE A 99 10.02 2.56 -14.03
N SER A 100 11.34 2.44 -13.98
CA SER A 100 12.18 2.49 -15.17
C SER A 100 12.54 1.08 -15.61
N GLY A 101 12.78 0.93 -16.90
CA GLY A 101 13.07 -0.38 -17.47
C GLY A 101 12.05 -1.41 -17.06
N LEU A 102 10.78 -1.14 -17.36
CA LEU A 102 9.69 -2.01 -16.94
C LEU A 102 9.98 -3.46 -17.33
N GLN A 103 9.58 -4.38 -16.45
CA GLN A 103 9.79 -5.81 -16.67
C GLN A 103 8.47 -6.53 -16.49
N SER A 104 8.43 -7.77 -16.99
CA SER A 104 7.21 -8.57 -16.86
C SER A 104 6.83 -8.79 -15.41
N GLU A 105 7.83 -8.98 -14.54
CA GLU A 105 7.54 -9.18 -13.12
C GLU A 105 7.10 -7.90 -12.42
N ASP A 106 7.11 -6.76 -13.11
CA ASP A 106 6.56 -5.54 -12.55
C ASP A 106 5.04 -5.44 -12.71
N GLU A 107 4.44 -6.33 -13.51
CA GLU A 107 3.00 -6.31 -13.67
C GLU A 107 2.31 -6.64 -12.35
N ALA A 108 1.51 -5.71 -11.86
CA ALA A 108 0.81 -5.89 -10.59
C ALA A 108 -0.02 -4.66 -10.25
N ASP A 109 -0.62 -4.65 -9.07
CA ASP A 109 -1.38 -3.50 -8.58
C ASP A 109 -0.54 -2.75 -7.56
N TYR A 110 -0.44 -1.44 -7.74
CA TYR A 110 0.36 -0.58 -6.87
C TYR A 110 -0.54 0.35 -6.09
N TYR A 111 -0.36 0.39 -4.77
CA TYR A 111 -1.20 1.17 -3.87
C TYR A 111 -0.35 2.18 -3.12
N ALA A 112 -0.90 3.38 -2.95
CA ALA A 112 -0.27 4.43 -2.16
C ALA A 112 -0.87 4.44 -0.77
N ALA A 113 -0.02 4.71 0.23
CA ALA A 113 -0.46 4.74 1.62
C ALA A 113 0.19 5.92 2.33
N THR A 114 -0.55 6.49 3.26
CA THR A 114 -0.05 7.62 4.05
C THR A 114 -0.90 7.74 5.30
N TRP A 115 -0.43 8.58 6.23
CA TRP A 115 -1.14 8.84 7.48
C TRP A 115 -2.01 10.08 7.32
N ASP A 116 -3.22 10.00 7.88
CA ASP A 116 -4.17 11.11 7.84
C ASP A 116 -4.37 11.63 9.26
N ASP A 117 -4.06 12.91 9.47
CA ASP A 117 -4.20 13.50 10.80
C ASP A 117 -5.65 13.72 11.17
N SER A 118 -6.52 13.95 10.18
CA SER A 118 -7.93 14.14 10.47
C SER A 118 -8.58 12.83 10.92
N LEU A 119 -8.29 11.73 10.23
CA LEU A 119 -8.80 10.43 10.64
C LEU A 119 -7.96 9.76 11.72
N ASN A 120 -6.73 10.24 11.93
CA ASN A 120 -5.83 9.65 12.92
C ASN A 120 -5.61 8.16 12.64
N GLY A 121 -5.18 7.87 11.43
CA GLY A 121 -4.94 6.50 11.03
C GLY A 121 -4.45 6.43 9.60
N TRP A 122 -4.26 5.21 9.13
CA TRP A 122 -3.78 4.98 7.77
C TRP A 122 -4.90 5.19 6.77
N VAL A 123 -4.54 5.81 5.63
CA VAL A 123 -5.44 5.94 4.50
C VAL A 123 -4.72 5.38 3.27
N PHE A 124 -5.48 4.73 2.40
CA PHE A 124 -4.91 4.06 1.24
C PHE A 124 -5.66 4.49 -0.02
N GLY A 125 -4.95 4.44 -1.15
CA GLY A 125 -5.58 4.68 -2.43
C GLY A 125 -6.28 3.44 -2.96
N GLY A 126 -6.97 3.63 -4.08
CA GLY A 126 -7.69 2.52 -4.71
C GLY A 126 -6.83 1.57 -5.50
N GLY A 127 -5.59 1.94 -5.78
CA GLY A 127 -4.69 1.09 -6.52
C GLY A 127 -4.64 1.43 -8.00
N THR A 128 -3.50 1.14 -8.62
CA THR A 128 -3.30 1.37 -10.05
C THR A 128 -2.68 0.10 -10.65
N LYS A 129 -3.36 -0.47 -11.63
CA LYS A 129 -2.86 -1.68 -12.28
C LYS A 129 -1.82 -1.30 -13.33
N VAL A 130 -0.65 -1.92 -13.25
CA VAL A 130 0.41 -1.74 -14.23
C VAL A 130 0.51 -3.03 -15.03
N THR A 131 0.21 -2.95 -16.32
CA THR A 131 0.23 -4.09 -17.22
C THR A 131 1.44 -3.99 -18.14
N VAL A 132 2.23 -5.06 -18.20
CA VAL A 132 3.40 -5.12 -19.06
C VAL A 132 3.05 -5.94 -20.29
N LEU A 133 3.19 -5.33 -21.47
CA LEU A 133 2.86 -6.00 -22.72
C LEU A 133 3.97 -6.98 -23.13
N GLU B 22 12.86 4.39 11.73
CA GLU B 22 11.58 4.54 12.41
C GLU B 22 10.44 4.68 11.40
N LYS B 23 10.66 5.48 10.36
CA LYS B 23 9.67 5.58 9.30
C LYS B 23 9.49 4.25 8.59
N LEU B 24 10.57 3.48 8.46
CA LEU B 24 10.48 2.17 7.82
C LEU B 24 9.58 1.23 8.60
N MET B 25 9.75 1.19 9.93
CA MET B 25 8.91 0.32 10.75
C MET B 25 7.44 0.72 10.65
N LYS B 26 7.16 2.02 10.63
CA LYS B 26 5.78 2.48 10.47
C LYS B 26 5.21 2.05 9.13
N ALA B 27 5.97 2.27 8.05
CA ALA B 27 5.54 1.81 6.73
C ALA B 27 5.23 0.33 6.73
N PHE B 28 6.11 -0.48 7.35
CA PHE B 28 5.83 -1.90 7.48
C PHE B 28 4.53 -2.14 8.24
N GLN B 29 4.26 -1.31 9.25
CA GLN B 29 3.01 -1.44 9.99
C GLN B 29 1.81 -1.23 9.08
N SER B 30 1.93 -0.31 8.11
CA SER B 30 0.81 -0.05 7.21
C SER B 30 0.38 -1.31 6.45
N LEU B 31 1.32 -2.23 6.20
CA LEU B 31 1.02 -3.40 5.38
C LEU B 31 -0.07 -4.25 6.01
N ALA B 32 0.06 -4.57 7.30
CA ALA B 32 -0.94 -5.38 7.98
C ALA B 32 -2.32 -4.74 7.88
N PHE B 33 -2.39 -3.42 8.14
CA PHE B 33 -3.63 -2.69 7.97
C PHE B 33 -4.20 -2.91 6.57
N PHE B 34 -3.36 -2.78 5.54
CA PHE B 34 -3.83 -2.95 4.17
C PHE B 34 -4.41 -4.35 3.96
N GLU B 35 -3.64 -5.38 4.32
CA GLU B 35 -4.08 -6.76 4.14
C GLU B 35 -5.44 -6.99 4.79
N ILE B 36 -5.55 -6.65 6.08
CA ILE B 36 -6.79 -6.90 6.81
C ILE B 36 -7.92 -6.08 6.24
N LEU B 37 -7.64 -4.86 5.80
CA LEU B 37 -8.67 -4.02 5.19
C LEU B 37 -9.18 -4.63 3.89
N ASN B 38 -8.35 -5.44 3.22
CA ASN B 38 -8.73 -6.04 1.94
C ASN B 38 -8.92 -7.55 2.04
N MET B 39 -9.51 -8.02 3.14
CA MET B 39 -9.90 -9.41 3.27
C MET B 39 -11.41 -9.53 3.04
N PRO B 40 -11.88 -10.13 1.95
CA PRO B 40 -13.30 -10.00 1.59
C PRO B 40 -14.24 -10.90 2.38
N ASN B 41 -13.75 -11.94 3.04
CA ASN B 41 -14.62 -12.91 3.70
C ASN B 41 -14.89 -12.57 5.16
N LEU B 42 -14.38 -11.45 5.67
CA LEU B 42 -14.58 -11.08 7.07
C LEU B 42 -15.81 -10.20 7.22
N ASN B 43 -16.42 -10.27 8.40
CA ASN B 43 -17.48 -9.34 8.76
C ASN B 43 -16.91 -7.95 9.01
N GLU B 44 -17.80 -6.96 9.03
CA GLU B 44 -17.40 -5.61 9.41
C GLU B 44 -16.91 -5.59 10.85
N ALA B 45 -17.57 -6.33 11.74
CA ALA B 45 -17.17 -6.36 13.14
C ALA B 45 -15.84 -7.08 13.31
N GLN B 46 -15.63 -8.18 12.59
CA GLN B 46 -14.36 -8.88 12.65
C GLN B 46 -13.23 -8.01 12.13
N ARG B 47 -13.43 -7.39 10.97
CA ARG B 47 -12.42 -6.51 10.41
C ARG B 47 -12.08 -5.38 11.37
N ASN B 48 -13.10 -4.64 11.83
CA ASN B 48 -12.87 -3.55 12.76
C ASN B 48 -12.12 -4.02 14.00
N GLY B 49 -12.51 -5.18 14.54
CA GLY B 49 -11.82 -5.71 15.70
C GLY B 49 -10.34 -5.95 15.43
N PHE B 50 -10.03 -6.57 14.29
CA PHE B 50 -8.64 -6.82 13.94
C PHE B 50 -7.85 -5.52 13.81
N ILE B 51 -8.43 -4.53 13.12
CA ILE B 51 -7.74 -3.24 12.99
C ILE B 51 -7.47 -2.64 14.37
N GLN B 52 -8.48 -2.66 15.24
CA GLN B 52 -8.30 -2.10 16.57
C GLN B 52 -7.20 -2.85 17.32
N SER B 53 -7.11 -4.17 17.12
CA SER B 53 -5.98 -4.91 17.69
C SER B 53 -4.66 -4.39 17.16
N LEU B 54 -4.59 -4.12 15.85
CA LEU B 54 -3.35 -3.58 15.28
C LEU B 54 -3.00 -2.23 15.89
N LYS B 55 -4.00 -1.42 16.24
CA LYS B 55 -3.70 -0.12 16.82
C LYS B 55 -3.29 -0.23 18.29
N ASP B 56 -3.93 -1.12 19.04
CA ASP B 56 -3.70 -1.18 20.48
C ASP B 56 -2.39 -1.88 20.84
N ASP B 57 -1.93 -2.82 20.02
CA ASP B 57 -0.72 -3.59 20.31
C ASP B 57 0.00 -3.89 19.01
N PRO B 58 0.83 -2.97 18.53
CA PRO B 58 1.56 -3.22 17.27
C PRO B 58 2.46 -4.44 17.34
N SER B 59 3.03 -4.75 18.51
CA SER B 59 3.92 -5.90 18.62
C SER B 59 3.20 -7.21 18.31
N GLN B 60 1.88 -7.23 18.35
CA GLN B 60 1.10 -8.41 18.04
C GLN B 60 0.72 -8.50 16.56
N SER B 61 1.16 -7.55 15.74
CA SER B 61 0.79 -7.48 14.34
C SER B 61 0.71 -8.86 13.70
N THR B 62 1.86 -9.51 13.55
CA THR B 62 1.91 -10.84 12.94
C THR B 62 0.78 -11.72 13.46
N ASN B 63 0.74 -11.94 14.77
CA ASN B 63 -0.31 -12.76 15.36
C ASN B 63 -1.67 -12.37 14.82
N VAL B 64 -2.06 -11.10 15.04
CA VAL B 64 -3.35 -10.62 14.54
C VAL B 64 -3.54 -11.05 13.10
N LEU B 65 -2.59 -10.66 12.24
CA LEU B 65 -2.73 -10.98 10.82
C LEU B 65 -3.01 -12.46 10.64
N GLY B 66 -2.18 -13.32 11.22
CA GLY B 66 -2.38 -14.75 11.10
C GLY B 66 -3.82 -15.10 11.44
N GLU B 67 -4.27 -14.72 12.64
CA GLU B 67 -5.65 -15.02 13.02
C GLU B 67 -6.61 -14.53 11.96
N ALA B 68 -6.48 -13.26 11.55
CA ALA B 68 -7.35 -12.73 10.51
C ALA B 68 -7.35 -13.66 9.30
N LYS B 69 -6.16 -14.00 8.81
CA LYS B 69 -6.08 -14.89 7.65
C LYS B 69 -6.87 -16.16 7.91
N LYS B 70 -6.62 -16.81 9.05
CA LYS B 70 -7.29 -18.08 9.32
C LYS B 70 -8.79 -17.91 9.34
N LEU B 71 -9.29 -16.76 9.79
CA LEU B 71 -10.72 -16.52 9.74
C LEU B 71 -11.19 -16.31 8.30
N ASN B 72 -10.46 -15.48 7.55
CA ASN B 72 -10.87 -15.18 6.18
C ASN B 72 -10.93 -16.44 5.32
N GLU B 73 -10.05 -17.41 5.60
CA GLU B 73 -10.09 -18.67 4.87
C GLU B 73 -11.27 -19.52 5.33
N SER B 74 -11.55 -19.53 6.63
CA SER B 74 -12.60 -20.41 7.13
C SER B 74 -13.98 -19.98 6.66
N GLN B 75 -14.16 -18.70 6.38
CA GLN B 75 -15.45 -18.15 5.94
C GLN B 75 -15.51 -17.96 4.42
N ALA B 76 -14.61 -18.61 3.68
CA ALA B 76 -14.64 -18.52 2.23
C ALA B 76 -15.91 -19.20 1.70
N PRO B 77 -16.40 -18.77 0.53
CA PRO B 77 -17.63 -19.32 -0.02
C PRO B 77 -17.49 -20.77 -0.49
#